data_5KHH
#
_entry.id   5KHH
#
_cell.length_a   96.037
_cell.length_b   96.037
_cell.length_c   115.913
_cell.angle_alpha   90.000
_cell.angle_beta   90.000
_cell.angle_gamma   90.000
#
_symmetry.space_group_name_H-M   'I 4 2 2'
#
loop_
_entity.id
_entity.type
_entity.pdbx_description
1 polymer 'Potassium/sodium hyperpolarization-activated cyclic nucleotide-gated channel 2'
2 non-polymer "Inosine-3',5'-cyclic monophosphate"
3 water water
#
_entity_poly.entity_id   1
_entity_poly.type   'polypeptide(L)'
_entity_poly.pdbx_seq_one_letter_code
;SNADSSRRQYQEKYKQVEQYMSFHKLPADFRQKIHDYYEHRYQGKMFDEDSILGELNGPLREEIVNFN(CSX)RKLVASM
PLFANADPNFVTAMLTKLKFEVFQPGDYIIREGTIGKKMYFIQHGVVSVLTKGNKEMKLSDGSYFGEICLLTRGRRTASV
RADTYCRLYSLSVDNFNEVLEEYPMMRRAFETVAIDRLDRIGKKNSIL
;
_entity_poly.pdbx_strand_id   A
#
loop_
_chem_comp.id
_chem_comp.type
_chem_comp.name
_chem_comp.formula
6SW non-polymer 'Inosine-3',5'-cyclic monophosphate' 'C10 H11 N4 O7 P'
#
# COMPACT_ATOMS: atom_id res chain seq x y z
N SER A 5 -1.42 12.82 -24.91
CA SER A 5 -0.55 13.82 -24.23
C SER A 5 0.05 13.21 -22.95
N SER A 6 -0.77 12.53 -22.18
CA SER A 6 -0.30 11.75 -21.02
C SER A 6 0.51 10.55 -21.50
N ARG A 7 0.00 9.89 -22.54
CA ARG A 7 0.73 8.82 -23.24
C ARG A 7 2.12 9.30 -23.65
N ARG A 8 2.23 10.57 -24.04
CA ARG A 8 3.51 11.20 -24.37
C ARG A 8 4.42 11.43 -23.17
N GLN A 9 3.89 11.88 -22.04
CA GLN A 9 4.74 12.18 -20.85
C GLN A 9 5.31 10.90 -20.23
N TYR A 10 4.52 9.83 -20.24
CA TYR A 10 4.96 8.51 -19.81
C TYR A 10 6.07 7.99 -20.71
N GLN A 11 5.96 8.28 -22.01
CA GLN A 11 6.95 7.84 -22.99
C GLN A 11 8.32 8.48 -22.76
N GLU A 12 8.34 9.78 -22.49
CA GLU A 12 9.60 10.50 -22.22
C GLU A 12 10.24 10.04 -20.91
N LYS A 13 9.41 9.82 -19.90
CA LYS A 13 9.91 9.33 -18.61
C LYS A 13 10.48 7.92 -18.78
N TYR A 14 9.73 7.05 -19.44
CA TYR A 14 10.21 5.69 -19.62
C TYR A 14 11.52 5.62 -20.41
N LYS A 15 11.71 6.54 -21.36
CA LYS A 15 12.97 6.61 -22.11
C LYS A 15 14.17 6.83 -21.18
N GLN A 16 13.98 7.66 -20.16
CA GLN A 16 15.01 7.92 -19.16
C GLN A 16 15.34 6.66 -18.35
N VAL A 17 14.30 5.93 -17.97
CA VAL A 17 14.49 4.63 -17.27
C VAL A 17 15.30 3.68 -18.15
N GLU A 18 14.94 3.59 -19.44
CA GLU A 18 15.68 2.78 -20.40
C GLU A 18 17.15 3.15 -20.48
N GLN A 19 17.41 4.45 -20.51
CA GLN A 19 18.78 4.93 -20.51
C GLN A 19 19.53 4.58 -19.21
N TYR A 20 18.85 4.65 -18.07
CA TYR A 20 19.42 4.28 -16.76
C TYR A 20 19.77 2.80 -16.81
N MET A 21 18.85 1.98 -17.31
CA MET A 21 19.11 0.52 -17.35
C MET A 21 20.25 0.18 -18.27
N SER A 22 20.33 0.90 -19.38
CA SER A 22 21.39 0.68 -20.34
C SER A 22 22.75 1.05 -19.76
N PHE A 23 22.84 2.22 -19.16
CA PHE A 23 24.08 2.67 -18.51
C PHE A 23 24.59 1.69 -17.45
N HIS A 24 23.68 1.13 -16.66
CA HIS A 24 24.03 0.18 -15.61
C HIS A 24 24.09 -1.28 -16.08
N LYS A 25 23.87 -1.52 -17.38
CA LYS A 25 23.98 -2.81 -18.03
C LYS A 25 23.13 -3.89 -17.36
N LEU A 26 21.91 -3.53 -16.98
CA LEU A 26 21.01 -4.46 -16.35
C LEU A 26 20.62 -5.56 -17.31
N PRO A 27 20.49 -6.77 -16.78
CA PRO A 27 20.16 -7.89 -17.65
C PRO A 27 18.81 -7.77 -18.31
N ALA A 28 18.65 -8.51 -19.40
CA ALA A 28 17.43 -8.51 -20.18
C ALA A 28 16.15 -8.81 -19.40
N ASP A 29 16.14 -9.85 -18.58
CA ASP A 29 14.94 -10.26 -17.81
C ASP A 29 14.58 -9.16 -16.80
N PHE A 30 15.58 -8.50 -16.25
CA PHE A 30 15.42 -7.43 -15.25
C PHE A 30 14.79 -6.22 -15.94
N ARG A 31 15.29 -5.88 -17.12
CA ARG A 31 14.75 -4.74 -17.88
C ARG A 31 13.27 -4.98 -18.23
N GLN A 32 12.91 -6.21 -18.58
CA GLN A 32 11.52 -6.55 -18.83
C GLN A 32 10.66 -6.46 -17.59
N LYS A 33 11.20 -6.91 -16.46
CA LYS A 33 10.49 -6.84 -15.21
C LYS A 33 10.19 -5.34 -14.88
N ILE A 34 11.18 -4.46 -15.11
N ILE A 34 11.17 -4.47 -15.10
CA ILE A 34 11.00 -3.02 -14.84
CA ILE A 34 10.98 -3.05 -14.89
C ILE A 34 9.98 -2.40 -15.83
C ILE A 34 9.89 -2.51 -15.81
N HIS A 35 10.01 -2.84 -17.09
CA HIS A 35 9.02 -2.42 -18.07
C HIS A 35 7.59 -2.78 -17.65
N ASP A 36 7.41 -4.04 -17.25
CA ASP A 36 6.10 -4.56 -16.84
C ASP A 36 5.61 -3.79 -15.60
N TYR A 37 6.51 -3.54 -14.66
CA TYR A 37 6.17 -2.74 -13.48
C TYR A 37 5.62 -1.36 -13.88
N TYR A 38 6.35 -0.67 -14.75
CA TYR A 38 5.98 0.65 -15.21
C TYR A 38 4.61 0.69 -15.91
N GLU A 39 4.32 -0.33 -16.72
CA GLU A 39 3.02 -0.44 -17.38
C GLU A 39 1.91 -0.68 -16.37
N HIS A 40 2.16 -1.54 -15.38
CA HIS A 40 1.14 -1.77 -14.36
C HIS A 40 0.96 -0.57 -13.43
N ARG A 41 2.05 0.08 -13.04
CA ARG A 41 1.99 1.18 -12.10
C ARG A 41 1.35 2.44 -12.71
N TYR A 42 1.75 2.80 -13.93
CA TYR A 42 1.38 4.09 -14.54
C TYR A 42 0.37 3.96 -15.71
N GLN A 43 0.20 2.76 -16.21
CA GLN A 43 -0.76 2.46 -17.28
C GLN A 43 -0.59 3.37 -18.48
N GLY A 44 0.65 3.60 -18.85
CA GLY A 44 0.99 4.38 -20.05
C GLY A 44 0.77 5.88 -19.97
N LYS A 45 0.42 6.38 -18.79
CA LYS A 45 0.18 7.80 -18.60
C LYS A 45 0.91 8.34 -17.39
N MET A 46 1.32 9.60 -17.46
CA MET A 46 2.02 10.24 -16.36
C MET A 46 1.71 11.75 -16.26
N PHE A 47 1.56 12.25 -15.03
CA PHE A 47 1.35 13.69 -14.74
C PHE A 47 2.09 13.99 -13.47
N ASP A 48 2.32 15.29 -13.21
CA ASP A 48 2.93 15.72 -11.96
C ASP A 48 1.81 15.80 -10.94
N GLU A 49 1.48 14.64 -10.38
CA GLU A 49 0.34 14.52 -9.47
C GLU A 49 0.50 15.38 -8.21
N ASP A 50 1.71 15.41 -7.65
CA ASP A 50 1.97 16.24 -6.48
C ASP A 50 1.80 17.72 -6.76
N SER A 51 2.17 18.17 -7.96
CA SER A 51 1.98 19.58 -8.27
C SER A 51 0.51 19.92 -8.42
N ILE A 52 -0.20 19.03 -9.11
CA ILE A 52 -1.65 19.22 -9.35
C ILE A 52 -2.43 19.29 -8.04
N LEU A 53 -2.36 18.24 -7.24
CA LEU A 53 -3.08 18.22 -5.98
C LEU A 53 -2.64 19.39 -5.08
N GLY A 54 -1.34 19.73 -5.13
CA GLY A 54 -0.86 20.90 -4.41
C GLY A 54 -1.51 22.22 -4.80
N GLU A 55 -1.99 22.34 -6.04
CA GLU A 55 -2.63 23.57 -6.48
C GLU A 55 -4.07 23.68 -6.02
N LEU A 56 -4.62 22.58 -5.49
CA LEU A 56 -6.02 22.55 -5.05
C LEU A 56 -6.12 22.98 -3.61
N ASN A 57 -7.27 22.75 -2.99
CA ASN A 57 -7.43 23.00 -1.58
C ASN A 57 -7.79 21.68 -0.85
N GLY A 58 -8.00 21.75 0.45
CA GLY A 58 -8.34 20.57 1.24
C GLY A 58 -9.62 19.89 0.77
N PRO A 59 -10.72 20.66 0.67
CA PRO A 59 -11.98 20.08 0.22
C PRO A 59 -11.92 19.35 -1.13
N LEU A 60 -11.29 19.94 -2.14
CA LEU A 60 -11.16 19.27 -3.44
C LEU A 60 -10.33 18.02 -3.39
N ARG A 61 -9.17 18.09 -2.72
CA ARG A 61 -8.34 16.89 -2.56
C ARG A 61 -9.10 15.78 -1.84
N GLU A 62 -9.90 16.13 -0.83
CA GLU A 62 -10.67 15.16 -0.08
C GLU A 62 -11.76 14.55 -0.95
N GLU A 63 -12.39 15.37 -1.79
CA GLU A 63 -13.44 14.86 -2.69
C GLU A 63 -12.86 13.90 -3.71
N ILE A 64 -11.66 14.23 -4.21
CA ILE A 64 -10.94 13.37 -5.17
C ILE A 64 -10.53 12.04 -4.59
N VAL A 65 -9.93 12.00 -3.38
N VAL A 65 -9.95 12.01 -3.38
CA VAL A 65 -9.46 10.72 -2.84
CA VAL A 65 -9.46 10.75 -2.85
C VAL A 65 -10.67 9.85 -2.50
C VAL A 65 -10.67 9.86 -2.52
N ASN A 66 -11.74 10.47 -2.01
CA ASN A 66 -12.95 9.71 -1.71
C ASN A 66 -13.53 9.08 -2.98
N PHE A 67 -13.58 9.84 -4.06
CA PHE A 67 -14.11 9.34 -5.33
C PHE A 67 -13.24 8.19 -5.87
N ASN A 68 -11.93 8.38 -5.82
CA ASN A 68 -11.01 7.41 -6.41
C ASN A 68 -11.03 6.09 -5.62
N CSX A 69 -11.30 6.18 -4.32
CA CSX A 69 -11.23 5.05 -3.38
CB CSX A 69 -10.44 5.44 -2.14
SG CSX A 69 -8.79 5.91 -2.53
C CSX A 69 -12.58 4.48 -2.96
O CSX A 69 -12.65 3.81 -1.95
OD CSX A 69 -8.10 4.65 -2.80
N ARG A 70 -13.62 4.70 -3.74
CA ARG A 70 -14.98 4.27 -3.42
C ARG A 70 -15.00 2.76 -3.23
N LYS A 71 -14.33 2.03 -4.12
CA LYS A 71 -14.37 0.57 -4.03
C LYS A 71 -13.54 0.06 -2.85
N LEU A 72 -12.35 0.62 -2.62
CA LEU A 72 -11.54 0.28 -1.46
C LEU A 72 -12.31 0.48 -0.16
N VAL A 73 -12.95 1.63 -0.05
CA VAL A 73 -13.75 1.96 1.13
C VAL A 73 -14.93 0.98 1.31
N ALA A 74 -15.72 0.77 0.26
CA ALA A 74 -16.95 -0.02 0.40
C ALA A 74 -16.67 -1.51 0.62
N SER A 75 -15.49 -1.95 0.20
N SER A 75 -15.51 -1.98 0.17
CA SER A 75 -15.06 -3.35 0.25
CA SER A 75 -15.13 -3.38 0.28
C SER A 75 -14.31 -3.73 1.53
C SER A 75 -14.49 -3.74 1.63
N MET A 76 -14.04 -2.75 2.38
CA MET A 76 -13.33 -2.99 3.65
C MET A 76 -14.14 -2.49 4.83
N PRO A 77 -14.66 -3.42 5.68
CA PRO A 77 -15.52 -3.01 6.77
C PRO A 77 -14.94 -1.96 7.69
N LEU A 78 -13.65 -2.02 7.96
CA LEU A 78 -13.01 -1.03 8.79
C LEU A 78 -13.36 0.39 8.29
N PHE A 79 -13.27 0.61 6.97
CA PHE A 79 -13.60 1.90 6.38
C PHE A 79 -15.11 2.10 6.16
N ALA A 80 -15.76 1.12 5.56
CA ALA A 80 -17.18 1.24 5.15
C ALA A 80 -18.03 1.61 6.34
N ASN A 81 -17.75 0.99 7.50
CA ASN A 81 -18.58 1.20 8.68
C ASN A 81 -18.11 2.28 9.63
N ALA A 82 -17.01 2.99 9.30
CA ALA A 82 -16.41 4.05 10.13
C ALA A 82 -16.95 5.45 9.84
N ASP A 83 -16.63 6.40 10.73
CA ASP A 83 -16.93 7.83 10.55
C ASP A 83 -16.28 8.22 9.20
N PRO A 84 -17.09 8.65 8.20
CA PRO A 84 -16.48 9.06 6.95
C PRO A 84 -15.36 10.07 7.09
N ASN A 85 -15.36 10.88 8.14
CA ASN A 85 -14.27 11.84 8.35
C ASN A 85 -12.92 11.18 8.78
N PHE A 86 -13.01 10.10 9.56
CA PHE A 86 -11.83 9.24 9.80
C PHE A 86 -11.32 8.66 8.48
N VAL A 87 -12.25 8.15 7.65
CA VAL A 87 -11.92 7.51 6.40
C VAL A 87 -11.18 8.54 5.51
N THR A 88 -11.72 9.75 5.40
CA THR A 88 -11.06 10.79 4.63
C THR A 88 -9.65 11.08 5.14
N ALA A 89 -9.46 11.14 6.46
CA ALA A 89 -8.15 11.43 7.04
C ALA A 89 -7.16 10.31 6.69
N MET A 90 -7.63 9.08 6.69
CA MET A 90 -6.79 7.93 6.22
C MET A 90 -6.49 8.02 4.73
N LEU A 91 -7.52 8.22 3.92
CA LEU A 91 -7.35 8.22 2.50
C LEU A 91 -6.35 9.27 2.02
N THR A 92 -6.36 10.44 2.67
CA THR A 92 -5.48 11.50 2.23
C THR A 92 -4.02 11.18 2.47
N LYS A 93 -3.71 10.19 3.31
N LYS A 93 -3.74 10.22 3.37
CA LYS A 93 -2.32 9.86 3.66
CA LYS A 93 -2.38 9.84 3.75
C LYS A 93 -1.85 8.51 3.08
C LYS A 93 -1.83 8.69 2.88
N LEU A 94 -2.74 7.87 2.31
CA LEU A 94 -2.35 6.65 1.54
C LEU A 94 -1.48 6.90 0.30
N LYS A 95 -0.54 5.99 0.08
CA LYS A 95 0.36 6.04 -1.06
C LYS A 95 0.14 4.79 -1.90
N PHE A 96 -0.20 4.99 -3.16
CA PHE A 96 -0.36 3.91 -4.09
C PHE A 96 0.98 3.23 -4.36
N GLU A 97 0.96 1.91 -4.31
CA GLU A 97 2.14 1.07 -4.60
C GLU A 97 1.74 -0.18 -5.38
N VAL A 98 2.61 -0.59 -6.31
CA VAL A 98 2.36 -1.80 -7.08
C VAL A 98 3.53 -2.75 -6.80
N PHE A 99 3.19 -4.03 -6.57
CA PHE A 99 4.17 -5.07 -6.37
C PHE A 99 3.95 -6.18 -7.37
N GLN A 100 5.04 -6.90 -7.70
CA GLN A 100 4.97 -7.98 -8.65
C GLN A 100 5.07 -9.36 -7.99
N PRO A 101 4.60 -10.41 -8.69
CA PRO A 101 4.69 -11.75 -8.07
C PRO A 101 6.06 -12.10 -7.53
N GLY A 102 6.11 -12.63 -6.31
CA GLY A 102 7.35 -12.96 -5.63
C GLY A 102 8.02 -11.87 -4.82
N ASP A 103 7.57 -10.62 -4.93
CA ASP A 103 8.17 -9.58 -4.17
C ASP A 103 7.91 -9.84 -2.68
N TYR A 104 8.94 -9.67 -1.87
CA TYR A 104 8.80 -9.63 -0.41
C TYR A 104 8.44 -8.19 -0.01
N ILE A 105 7.14 -7.98 0.21
CA ILE A 105 6.64 -6.65 0.60
C ILE A 105 7.13 -6.36 2.02
N ILE A 106 7.00 -7.35 2.90
CA ILE A 106 7.52 -7.30 4.27
C ILE A 106 8.40 -8.53 4.57
N ARG A 107 9.55 -8.31 5.22
CA ARG A 107 10.36 -9.43 5.72
C ARG A 107 10.26 -9.54 7.24
N GLU A 108 9.96 -10.75 7.70
CA GLU A 108 9.97 -11.10 9.14
C GLU A 108 11.24 -10.59 9.82
N GLY A 109 11.09 -10.08 11.03
CA GLY A 109 12.25 -9.60 11.82
C GLY A 109 12.72 -8.19 11.59
N THR A 110 12.26 -7.53 10.53
CA THR A 110 12.72 -6.21 10.23
C THR A 110 11.90 -5.21 11.06
N ILE A 111 12.35 -3.98 11.09
CA ILE A 111 11.65 -2.95 11.82
C ILE A 111 10.65 -2.31 10.85
N GLY A 112 9.37 -2.47 11.14
CA GLY A 112 8.31 -2.03 10.24
C GLY A 112 7.94 -0.60 10.50
N LYS A 113 7.76 0.16 9.43
CA LYS A 113 7.28 1.50 9.53
C LYS A 113 6.13 1.85 8.55
N LYS A 114 5.50 0.85 7.96
N LYS A 114 5.47 0.86 7.98
CA LYS A 114 4.37 1.04 7.02
CA LYS A 114 4.29 1.14 7.16
C LYS A 114 3.38 -0.09 7.21
C LYS A 114 3.39 -0.07 7.10
N MET A 115 2.10 0.16 6.89
CA MET A 115 1.13 -0.89 6.71
C MET A 115 0.54 -0.74 5.31
N TYR A 116 -0.22 -1.75 4.90
CA TYR A 116 -0.73 -1.89 3.55
C TYR A 116 -2.18 -2.31 3.54
N PHE A 117 -2.95 -1.60 2.73
CA PHE A 117 -4.30 -1.98 2.37
C PHE A 117 -4.31 -2.54 0.96
N ILE A 118 -4.94 -3.70 0.81
CA ILE A 118 -5.00 -4.34 -0.48
C ILE A 118 -6.21 -3.85 -1.30
N GLN A 119 -5.97 -3.09 -2.35
CA GLN A 119 -7.01 -2.76 -3.28
C GLN A 119 -7.32 -3.98 -4.17
N HIS A 120 -6.28 -4.60 -4.73
CA HIS A 120 -6.43 -5.75 -5.61
C HIS A 120 -5.13 -6.55 -5.62
N GLY A 121 -5.26 -7.85 -5.47
CA GLY A 121 -4.13 -8.78 -5.46
C GLY A 121 -4.27 -9.80 -4.33
N VAL A 122 -3.36 -10.76 -4.32
CA VAL A 122 -3.30 -11.78 -3.29
C VAL A 122 -1.89 -11.80 -2.74
N VAL A 123 -1.76 -11.87 -1.41
CA VAL A 123 -0.47 -11.99 -0.77
C VAL A 123 -0.44 -13.22 0.12
N SER A 124 0.75 -13.74 0.33
CA SER A 124 0.96 -14.82 1.28
C SER A 124 1.60 -14.29 2.53
N VAL A 125 1.00 -14.64 3.67
CA VAL A 125 1.60 -14.37 4.97
C VAL A 125 2.37 -15.61 5.44
N LEU A 126 3.67 -15.45 5.64
CA LEU A 126 4.62 -16.54 5.92
C LEU A 126 5.31 -16.37 7.28
N THR A 127 5.19 -17.35 8.17
CA THR A 127 5.89 -17.34 9.47
C THR A 127 6.65 -18.64 9.66
N LYS A 128 7.82 -18.56 10.31
CA LYS A 128 8.67 -19.73 10.62
C LYS A 128 7.99 -21.07 10.34
N GLY A 129 6.91 -21.38 11.06
CA GLY A 129 6.15 -22.60 10.78
C GLY A 129 4.73 -22.61 11.31
N ASN A 130 3.78 -22.10 10.51
CA ASN A 130 2.38 -22.13 10.87
C ASN A 130 1.40 -22.25 9.68
N LYS A 131 1.89 -22.67 8.52
CA LYS A 131 1.06 -22.77 7.31
C LYS A 131 0.71 -21.39 6.72
N GLU A 132 1.18 -21.15 5.49
CA GLU A 132 0.86 -19.93 4.74
C GLU A 132 -0.61 -19.55 4.85
N MET A 133 -0.88 -18.28 5.10
CA MET A 133 -2.23 -17.73 5.01
C MET A 133 -2.26 -16.70 3.89
N LYS A 134 -3.45 -16.41 3.38
CA LYS A 134 -3.62 -15.50 2.28
C LYS A 134 -4.52 -14.32 2.62
N LEU A 135 -4.19 -13.17 2.04
CA LEU A 135 -5.00 -11.97 2.19
C LEU A 135 -5.24 -11.42 0.79
N SER A 136 -6.41 -10.80 0.61
CA SER A 136 -6.81 -10.32 -0.68
C SER A 136 -7.55 -8.99 -0.57
N ASP A 137 -8.14 -8.57 -1.70
CA ASP A 137 -8.91 -7.33 -1.84
C ASP A 137 -9.77 -7.16 -0.60
N GLY A 138 -9.67 -5.99 0.01
CA GLY A 138 -10.46 -5.68 1.20
C GLY A 138 -9.77 -5.89 2.54
N SER A 139 -8.61 -6.53 2.54
CA SER A 139 -7.86 -6.75 3.78
C SER A 139 -6.65 -5.81 3.90
N TYR A 140 -5.97 -5.86 5.03
CA TYR A 140 -4.81 -5.06 5.28
C TYR A 140 -3.81 -5.87 6.12
N PHE A 141 -2.56 -5.42 6.09
CA PHE A 141 -1.47 -6.06 6.80
C PHE A 141 -0.33 -5.08 7.10
N GLY A 142 0.52 -5.47 8.04
CA GLY A 142 1.60 -4.62 8.50
C GLY A 142 1.26 -3.71 9.67
N GLU A 143 0.04 -3.87 10.21
CA GLU A 143 -0.45 -3.05 11.35
C GLU A 143 0.23 -3.35 12.68
N ILE A 144 0.66 -4.59 12.87
CA ILE A 144 1.18 -5.00 14.20
C ILE A 144 2.41 -4.22 14.62
N CYS A 145 3.38 -4.12 13.72
N CYS A 145 3.40 -4.11 13.73
CA CYS A 145 4.57 -3.31 13.95
CA CYS A 145 4.57 -3.26 13.98
C CYS A 145 4.25 -1.83 14.17
C CYS A 145 4.20 -1.83 14.24
N LEU A 146 3.16 -1.35 13.57
CA LEU A 146 2.74 0.04 13.75
C LEU A 146 2.24 0.24 15.19
N LEU A 147 1.59 -0.79 15.72
CA LEU A 147 1.01 -0.76 17.06
C LEU A 147 2.06 -1.04 18.15
N THR A 148 2.99 -1.95 17.88
CA THR A 148 3.97 -2.43 18.88
C THR A 148 5.30 -1.69 18.87
N ARG A 149 5.67 -1.06 17.75
CA ARG A 149 7.01 -0.46 17.58
C ARG A 149 8.12 -1.51 17.61
N GLY A 150 7.76 -2.78 17.41
CA GLY A 150 8.73 -3.90 17.42
C GLY A 150 9.10 -4.43 16.02
N ARG A 151 9.26 -5.74 15.90
CA ARG A 151 9.73 -6.32 14.64
C ARG A 151 8.61 -7.05 13.95
N ARG A 152 8.67 -7.09 12.62
CA ARG A 152 7.67 -7.78 11.84
C ARG A 152 7.51 -9.22 12.28
N THR A 153 6.26 -9.67 12.42
CA THR A 153 5.94 -10.99 12.94
C THR A 153 5.80 -12.05 11.85
N ALA A 154 5.89 -11.61 10.60
CA ALA A 154 5.74 -12.54 9.46
C ALA A 154 6.35 -11.86 8.24
N SER A 155 6.65 -12.64 7.22
CA SER A 155 6.94 -12.10 5.90
C SER A 155 5.61 -12.07 5.12
N VAL A 156 5.47 -11.08 4.22
CA VAL A 156 4.33 -11.00 3.34
C VAL A 156 4.87 -10.88 1.91
N ARG A 157 4.48 -11.84 1.07
CA ARG A 157 4.96 -12.00 -0.29
C ARG A 157 3.80 -11.92 -1.28
N ALA A 158 4.00 -11.13 -2.33
CA ALA A 158 3.03 -11.03 -3.38
C ALA A 158 2.95 -12.32 -4.18
N ASP A 159 1.75 -12.84 -4.33
CA ASP A 159 1.49 -14.00 -5.19
C ASP A 159 1.16 -13.53 -6.60
N THR A 160 0.45 -12.41 -6.69
CA THR A 160 0.01 -11.82 -7.94
C THR A 160 0.57 -10.41 -8.08
N TYR A 161 0.30 -9.75 -9.19
CA TYR A 161 0.45 -8.29 -9.23
C TYR A 161 -0.47 -7.75 -8.13
N CYS A 162 0.03 -6.79 -7.35
CA CYS A 162 -0.74 -6.23 -6.24
C CYS A 162 -0.81 -4.73 -6.35
N ARG A 163 -2.01 -4.19 -6.24
CA ARG A 163 -2.26 -2.77 -6.14
C ARG A 163 -2.55 -2.50 -4.66
N LEU A 164 -1.62 -1.85 -3.99
CA LEU A 164 -1.72 -1.63 -2.56
C LEU A 164 -1.73 -0.16 -2.26
N TYR A 165 -2.19 0.18 -1.06
CA TYR A 165 -2.08 1.54 -0.56
C TYR A 165 -1.38 1.48 0.78
N SER A 166 -0.24 2.15 0.89
CA SER A 166 0.48 2.15 2.13
C SER A 166 0.22 3.36 3.01
N LEU A 167 0.46 3.12 4.28
CA LEU A 167 0.28 4.11 5.33
C LEU A 167 1.49 4.02 6.28
N SER A 168 2.18 5.13 6.43
CA SER A 168 3.38 5.23 7.28
C SER A 168 3.01 5.24 8.75
N VAL A 169 3.95 4.80 9.61
CA VAL A 169 3.66 4.76 11.05
C VAL A 169 3.28 6.15 11.59
N ASP A 170 3.99 7.17 11.11
CA ASP A 170 3.75 8.55 11.58
C ASP A 170 2.36 9.03 11.19
N ASN A 171 1.95 8.75 9.96
CA ASN A 171 0.59 9.06 9.50
C ASN A 171 -0.53 8.25 10.22
N PHE A 172 -0.28 6.97 10.43
CA PHE A 172 -1.17 6.11 11.17
C PHE A 172 -1.34 6.69 12.58
N ASN A 173 -0.24 7.02 13.25
CA ASN A 173 -0.36 7.65 14.57
C ASN A 173 -1.09 9.00 14.58
N GLU A 174 -0.83 9.85 13.58
CA GLU A 174 -1.50 11.16 13.50
C GLU A 174 -3.00 11.00 13.38
N VAL A 175 -3.44 10.13 12.48
CA VAL A 175 -4.87 9.89 12.31
C VAL A 175 -5.49 9.31 13.60
N LEU A 176 -4.83 8.34 14.20
CA LEU A 176 -5.38 7.73 15.41
C LEU A 176 -5.37 8.68 16.65
N GLU A 177 -4.53 9.71 16.65
CA GLU A 177 -4.64 10.77 17.69
C GLU A 177 -5.96 11.54 17.53
N GLU A 178 -6.32 11.83 16.29
CA GLU A 178 -7.54 12.50 15.96
C GLU A 178 -8.76 11.62 16.21
N TYR A 179 -8.64 10.33 15.90
CA TYR A 179 -9.77 9.38 15.99
C TYR A 179 -9.36 8.19 16.88
N PRO A 180 -9.12 8.44 18.18
CA PRO A 180 -8.58 7.41 19.06
C PRO A 180 -9.46 6.15 19.20
N MET A 181 -10.76 6.28 18.99
CA MET A 181 -11.64 5.09 19.04
C MET A 181 -11.34 4.07 17.94
N MET A 182 -10.71 4.50 16.85
CA MET A 182 -10.39 3.57 15.77
C MET A 182 -9.14 2.74 16.06
N ARG A 183 -8.35 3.18 17.04
CA ARG A 183 -7.15 2.46 17.43
C ARG A 183 -7.49 1.06 17.89
N ARG A 184 -8.61 0.90 18.61
CA ARG A 184 -9.01 -0.41 19.11
C ARG A 184 -9.38 -1.36 17.99
N ALA A 185 -10.03 -0.87 16.91
CA ALA A 185 -10.32 -1.71 15.75
C ALA A 185 -9.09 -2.43 15.21
N PHE A 186 -7.99 -1.68 15.05
CA PHE A 186 -6.74 -2.30 14.60
C PHE A 186 -6.16 -3.23 15.68
N GLU A 187 -6.21 -2.79 16.94
CA GLU A 187 -5.65 -3.57 18.06
C GLU A 187 -6.31 -4.93 18.17
N THR A 188 -7.63 -4.98 17.97
CA THR A 188 -8.38 -6.23 18.02
C THR A 188 -7.97 -7.20 16.95
N VAL A 189 -7.82 -6.70 15.72
CA VAL A 189 -7.30 -7.55 14.67
C VAL A 189 -5.86 -8.02 14.92
N ALA A 190 -4.99 -7.14 15.44
CA ALA A 190 -3.59 -7.47 15.68
C ALA A 190 -3.47 -8.58 16.73
N ILE A 191 -4.21 -8.39 17.81
CA ILE A 191 -4.29 -9.42 18.88
C ILE A 191 -4.80 -10.77 18.35
N ASP A 192 -5.85 -10.78 17.54
CA ASP A 192 -6.36 -12.03 16.95
C ASP A 192 -5.33 -12.72 16.08
N ARG A 193 -4.62 -11.94 15.28
CA ARG A 193 -3.53 -12.48 14.47
C ARG A 193 -2.36 -12.98 15.31
N LEU A 194 -1.93 -12.23 16.33
CA LEU A 194 -0.81 -12.67 17.18
C LEU A 194 -1.17 -14.02 17.85
N ASP A 195 -2.44 -14.17 18.24
CA ASP A 195 -2.92 -15.42 18.82
C ASP A 195 -2.81 -16.54 17.83
N ARG A 196 -3.36 -16.35 16.63
CA ARG A 196 -3.39 -17.36 15.58
C ARG A 196 -2.01 -17.89 15.18
N ILE A 197 -1.04 -16.99 15.02
CA ILE A 197 0.34 -17.40 14.75
C ILE A 197 1.11 -17.77 16.03
N GLY A 198 0.42 -17.71 17.18
CA GLY A 198 0.99 -18.09 18.48
C GLY A 198 2.25 -17.38 18.91
N LYS A 199 2.55 -16.22 18.31
CA LYS A 199 3.85 -15.56 18.49
C LYS A 199 3.97 -14.32 17.63
P 6SW B . 3.47 -6.99 10.96
C8 6SW B . -3.29 -12.62 8.70
C5 6SW B . 0.49 -11.81 10.87
C6 6SW B . -1.28 -13.00 10.54
O6 6SW B . 3.82 -5.51 11.12
N1 6SW B . -0.16 -12.92 11.27
C2 6SW B . 1.50 -8.56 10.40
N3 6SW B . -3.36 -13.68 9.54
C4 6SW B . 0.18 -10.01 9.15
O4 6SW B . 4.09 -7.82 12.03
O5 6SW B . 4.03 -7.53 9.53
C 6SW B . 3.64 -8.82 9.15
O3 6SW B . 1.91 -7.27 10.83
C3 6SW B . 0.05 -8.84 10.11
O2 6SW B . -0.63 -7.81 9.40
O 6SW B . 1.54 -10.07 8.77
C1 6SW B . 2.14 -8.84 9.05
N 6SW B . -0.19 -11.23 9.87
C7 6SW B . -1.28 -11.89 9.61
N2 6SW B . -2.27 -11.74 8.73
C9 6SW B . -2.41 -13.93 10.45
O1 6SW B . -2.47 -14.89 11.23
#